data_5V3U
#
_entry.id   5V3U
#
_cell.length_a   50.216
_cell.length_b   122.162
_cell.length_c   112.934
_cell.angle_alpha   90.00
_cell.angle_beta   90.00
_cell.angle_gamma   90.00
#
_symmetry.space_group_name_H-M   'C 2 2 21'
#
loop_
_entity.id
_entity.type
_entity.pdbx_description
1 polymer Globin
2 non-polymer 'PROTOPORPHYRIN IX CONTAINING FE'
3 non-polymer 'CYANIDE ION'
4 non-polymer 'SULFATE ION'
5 water water
#
_entity_poly.entity_id   1
_entity_poly.type   'polypeptide(L)'
_entity_poly.pdbx_seq_one_letter_code
;MSKQPMTPFEAIGGEQCIEILVDTFYSYVSKHPDLSPIFPDDLTETARKQKQFLTQYLGGPNLYTEEHGHPMLRARHLPF
EITPKRAEALLSCMEQAMDDTGVHGHIREFVFERLALTAQHMVNTPNETGEI
;
_entity_poly.pdbx_strand_id   A,B
#
loop_
_chem_comp.id
_chem_comp.type
_chem_comp.name
_chem_comp.formula
CYN non-polymer 'CYANIDE ION' 'C N -1'
HEM non-polymer 'PROTOPORPHYRIN IX CONTAINING FE' 'C34 H32 Fe N4 O4'
SO4 non-polymer 'SULFATE ION' 'O4 S -2'
#
# COMPACT_ATOMS: atom_id res chain seq x y z
N SER A 2 14.20 11.01 37.75
CA SER A 2 12.82 11.51 37.71
C SER A 2 12.45 12.09 36.34
N LYS A 3 13.19 13.10 35.87
CA LYS A 3 12.77 13.94 34.75
C LYS A 3 12.56 13.13 33.47
N GLN A 4 11.34 13.20 32.94
CA GLN A 4 11.03 12.51 31.69
C GLN A 4 11.90 13.07 30.57
N PRO A 5 12.55 12.22 29.77
CA PRO A 5 13.07 12.68 28.49
C PRO A 5 11.93 13.01 27.54
N MET A 6 12.23 13.86 26.57
CA MET A 6 11.24 14.10 25.53
C MET A 6 11.07 12.86 24.66
N THR A 7 9.82 12.55 24.37
CA THR A 7 9.56 11.60 23.31
C THR A 7 10.10 12.18 22.00
N PRO A 8 10.53 11.33 21.06
CA PRO A 8 10.99 11.87 19.75
C PRO A 8 9.99 12.82 19.14
N PHE A 9 8.69 12.50 19.26
CA PHE A 9 7.61 13.36 18.81
C PHE A 9 7.73 14.76 19.40
N GLU A 10 7.92 14.83 20.72
CA GLU A 10 8.15 16.12 21.36
C GLU A 10 9.45 16.76 20.87
N ALA A 11 10.51 15.96 20.73
CA ALA A 11 11.80 16.52 20.38
C ALA A 11 11.76 17.19 19.02
N ILE A 12 10.93 16.68 18.11
CA ILE A 12 10.85 17.24 16.77
C ILE A 12 9.97 18.48 16.75
N GLY A 13 9.16 18.69 17.79
CA GLY A 13 8.30 19.84 17.86
C GLY A 13 6.83 19.52 17.92
N GLY A 14 6.50 18.24 18.14
CA GLY A 14 5.13 17.79 18.34
C GLY A 14 4.24 17.94 17.12
N GLU A 15 2.94 18.00 17.40
CA GLU A 15 1.93 18.01 16.34
C GLU A 15 2.19 19.10 15.31
N GLN A 16 2.45 20.33 15.76
CA GLN A 16 2.56 21.46 14.84
C GLN A 16 3.67 21.25 13.81
N CYS A 17 4.76 20.58 14.20
CA CYS A 17 5.85 20.31 13.29
C CYS A 17 5.53 19.15 12.36
N ILE A 18 4.90 18.09 12.90
CA ILE A 18 4.51 16.94 12.09
C ILE A 18 3.58 17.38 10.97
N GLU A 19 2.60 18.22 11.28
CA GLU A 19 1.69 18.71 10.25
C GLU A 19 2.45 19.35 9.09
N ILE A 20 3.37 20.26 9.41
CA ILE A 20 4.09 21.04 8.40
C ILE A 20 5.02 20.13 7.60
N LEU A 21 5.81 19.31 8.29
CA LEU A 21 6.79 18.46 7.61
C LEU A 21 6.09 17.53 6.62
N VAL A 22 5.00 16.89 7.06
CA VAL A 22 4.29 15.94 6.22
C VAL A 22 3.64 16.64 5.03
N ASP A 23 3.06 17.83 5.24
CA ASP A 23 2.52 18.57 4.10
C ASP A 23 3.64 18.93 3.11
N THR A 24 4.77 19.44 3.61
CA THR A 24 5.87 19.78 2.71
C THR A 24 6.41 18.54 2.03
N PHE A 25 6.42 17.42 2.76
CA PHE A 25 6.93 16.16 2.24
C PHE A 25 6.16 15.74 0.98
N TYR A 26 4.83 15.76 1.04
CA TYR A 26 4.02 15.36 -0.10
C TYR A 26 3.97 16.41 -1.17
N SER A 27 4.26 17.66 -0.83
CA SER A 27 4.52 18.65 -1.86
C SER A 27 5.66 18.20 -2.74
N TYR A 28 6.73 17.68 -2.14
CA TYR A 28 7.84 17.16 -2.96
C TYR A 28 7.45 15.85 -3.63
N VAL A 29 6.69 15.00 -2.94
CA VAL A 29 6.29 13.73 -3.52
C VAL A 29 5.45 13.97 -4.78
N SER A 30 4.50 14.89 -4.72
CA SER A 30 3.64 15.11 -5.86
C SER A 30 4.38 15.73 -7.05
N LYS A 31 5.57 16.29 -6.83
CA LYS A 31 6.36 16.90 -7.89
C LYS A 31 7.57 16.07 -8.29
N HIS A 32 7.67 14.82 -7.81
CA HIS A 32 8.82 13.97 -8.12
C HIS A 32 8.42 12.92 -9.14
N PRO A 33 9.02 12.93 -10.35
CA PRO A 33 8.51 12.05 -11.43
C PRO A 33 8.59 10.55 -11.11
N ASP A 34 9.51 10.13 -10.24
CA ASP A 34 9.55 8.75 -9.76
C ASP A 34 8.44 8.43 -8.78
N LEU A 35 7.69 9.41 -8.28
CA LEU A 35 6.75 9.15 -7.20
C LEU A 35 5.33 9.57 -7.51
N SER A 36 5.14 10.66 -8.25
CA SER A 36 3.79 11.14 -8.56
C SER A 36 2.88 10.06 -9.11
N PRO A 37 3.27 9.31 -10.16
CA PRO A 37 2.29 8.40 -10.79
C PRO A 37 1.68 7.39 -9.83
N ILE A 38 2.46 6.83 -8.90
CA ILE A 38 1.96 5.70 -8.11
C ILE A 38 1.16 6.13 -6.88
N PHE A 39 1.19 7.40 -6.51
CA PHE A 39 0.36 7.84 -5.38
C PHE A 39 -1.04 8.21 -5.84
N PRO A 40 -2.01 8.26 -4.92
CA PRO A 40 -3.33 8.79 -5.28
C PRO A 40 -3.22 10.22 -5.79
N ASP A 41 -4.20 10.59 -6.62
CA ASP A 41 -4.17 11.87 -7.30
C ASP A 41 -4.24 13.02 -6.29
N ASP A 42 -5.10 12.89 -5.29
CA ASP A 42 -5.19 13.85 -4.19
C ASP A 42 -4.53 13.23 -2.96
N LEU A 43 -3.42 13.82 -2.56
CA LEU A 43 -2.65 13.32 -1.43
C LEU A 43 -3.19 13.78 -0.07
N THR A 44 -4.38 14.40 -0.03
CA THR A 44 -4.90 14.92 1.24
C THR A 44 -5.04 13.82 2.27
N GLU A 45 -5.77 12.76 1.92
CA GLU A 45 -6.01 11.66 2.85
C GLU A 45 -4.75 10.85 3.11
N THR A 46 -3.85 10.76 2.13
CA THR A 46 -2.55 10.14 2.38
C THR A 46 -1.75 10.92 3.40
N ALA A 47 -1.76 12.25 3.30
CA ALA A 47 -1.03 13.07 4.28
C ALA A 47 -1.67 13.01 5.66
N ARG A 48 -3.00 12.89 5.73
CA ARG A 48 -3.66 12.76 7.02
C ARG A 48 -3.23 11.49 7.72
N LYS A 49 -3.25 10.36 7.01
CA LYS A 49 -2.80 9.11 7.59
C LYS A 49 -1.33 9.17 7.98
N GLN A 50 -0.52 9.87 7.19
CA GLN A 50 0.91 9.92 7.49
C GLN A 50 1.17 10.78 8.73
N LYS A 51 0.43 11.87 8.91
CA LYS A 51 0.56 12.62 10.15
C LYS A 51 0.23 11.75 11.35
N GLN A 52 -0.88 11.00 11.28
CA GLN A 52 -1.21 10.06 12.34
C GLN A 52 -0.12 9.01 12.54
N PHE A 53 0.45 8.51 11.45
CA PHE A 53 1.44 7.45 11.56
C PHE A 53 2.73 7.95 12.20
N LEU A 54 3.32 9.01 11.63
CA LEU A 54 4.56 9.55 12.17
C LEU A 54 4.40 10.02 13.62
N THR A 55 3.21 10.51 13.99
CA THR A 55 2.97 10.90 15.38
C THR A 55 3.25 9.73 16.32
N GLN A 56 2.70 8.55 16.01
CA GLN A 56 2.87 7.42 16.90
C GLN A 56 4.19 6.71 16.67
N TYR A 57 4.69 6.75 15.44
CA TYR A 57 6.01 6.24 15.10
C TYR A 57 7.09 6.91 15.95
N LEU A 58 6.91 8.18 16.30
CA LEU A 58 7.88 8.94 17.09
C LEU A 58 7.55 8.99 18.59
N GLY A 59 6.48 8.37 19.03
CA GLY A 59 6.18 8.29 20.45
C GLY A 59 5.07 9.18 20.94
N GLY A 60 4.28 9.75 20.04
CA GLY A 60 3.12 10.50 20.43
C GLY A 60 1.93 9.58 20.60
N PRO A 61 0.74 10.14 20.71
CA PRO A 61 -0.48 9.32 20.79
C PRO A 61 -0.54 8.29 19.67
N ASN A 62 -1.18 7.15 19.98
CA ASN A 62 -1.33 6.07 19.02
C ASN A 62 -2.36 6.43 17.95
N LEU A 63 -2.21 7.61 17.33
CA LEU A 63 -3.27 8.14 16.48
C LEU A 63 -3.55 7.21 15.31
N TYR A 64 -2.52 6.57 14.76
CA TYR A 64 -2.72 5.74 13.59
C TYR A 64 -3.42 4.44 13.96
N THR A 65 -2.83 3.67 14.88
CA THR A 65 -3.41 2.37 15.24
C THR A 65 -4.78 2.53 15.88
N GLU A 66 -5.04 3.66 16.55
CA GLU A 66 -6.37 3.87 17.10
C GLU A 66 -7.44 3.93 16.01
N GLU A 67 -7.08 4.30 14.79
CA GLU A 67 -8.08 4.43 13.73
C GLU A 67 -7.99 3.33 12.68
N HIS A 68 -6.79 3.02 12.19
CA HIS A 68 -6.63 2.13 11.05
C HIS A 68 -6.15 0.73 11.43
N GLY A 69 -5.84 0.48 12.70
CA GLY A 69 -5.30 -0.82 13.07
C GLY A 69 -3.80 -0.87 12.89
N HIS A 70 -3.25 -2.08 13.00
CA HIS A 70 -1.81 -2.27 13.01
C HIS A 70 -1.19 -1.74 11.71
N PRO A 71 -0.13 -0.94 11.78
CA PRO A 71 0.40 -0.33 10.55
C PRO A 71 0.81 -1.36 9.51
N MET A 72 1.50 -2.43 9.92
CA MET A 72 1.94 -3.50 9.04
C MET A 72 2.34 -2.96 7.67
N LEU A 73 3.27 -2.01 7.70
CA LEU A 73 3.53 -1.20 6.51
C LEU A 73 4.01 -2.05 5.34
N ARG A 74 4.83 -3.08 5.62
CA ARG A 74 5.32 -3.92 4.54
C ARG A 74 4.15 -4.58 3.83
N ALA A 75 3.16 -5.05 4.57
CA ALA A 75 2.00 -5.66 3.95
C ALA A 75 1.22 -4.63 3.13
N ARG A 76 1.02 -3.43 3.70
CA ARG A 76 0.20 -2.43 3.04
C ARG A 76 0.83 -1.88 1.76
N HIS A 77 2.14 -2.00 1.61
CA HIS A 77 2.83 -1.48 0.43
C HIS A 77 3.08 -2.57 -0.62
N LEU A 78 2.60 -3.79 -0.37
CA LEU A 78 2.76 -4.90 -1.30
C LEU A 78 2.29 -4.63 -2.72
N PRO A 79 1.16 -3.99 -2.98
CA PRO A 79 0.69 -3.88 -4.37
C PRO A 79 1.36 -2.78 -5.17
N PHE A 80 2.13 -1.89 -4.54
CA PHE A 80 2.71 -0.74 -5.22
C PHE A 80 4.13 -1.03 -5.68
N GLU A 81 4.50 -0.47 -6.82
CA GLU A 81 5.82 -0.73 -7.40
C GLU A 81 6.82 0.13 -6.63
N ILE A 82 7.44 -0.46 -5.61
CA ILE A 82 8.41 0.23 -4.76
C ILE A 82 9.78 -0.35 -5.06
N THR A 83 10.53 0.33 -5.90
CA THR A 83 11.89 -0.03 -6.24
C THR A 83 12.85 0.63 -5.27
N PRO A 84 14.12 0.21 -5.24
CA PRO A 84 15.11 0.98 -4.49
C PRO A 84 15.19 2.42 -4.95
N LYS A 85 15.16 2.65 -6.27
CA LYS A 85 15.19 4.01 -6.79
C LYS A 85 14.04 4.83 -6.23
N ARG A 86 12.86 4.24 -6.09
CA ARG A 86 11.76 5.01 -5.53
C ARG A 86 11.91 5.19 -4.02
N ALA A 87 12.49 4.21 -3.33
CA ALA A 87 12.79 4.41 -1.91
C ALA A 87 13.74 5.59 -1.71
N GLU A 88 14.81 5.65 -2.51
CA GLU A 88 15.76 6.75 -2.30
C GLU A 88 15.17 8.08 -2.71
N ALA A 89 14.23 8.07 -3.66
CA ALA A 89 13.52 9.30 -4.03
C ALA A 89 12.56 9.76 -2.93
N LEU A 90 11.77 8.83 -2.41
CA LEU A 90 10.92 9.13 -1.26
C LEU A 90 11.74 9.76 -0.14
N LEU A 91 12.86 9.11 0.24
CA LEU A 91 13.71 9.63 1.31
C LEU A 91 14.25 11.00 0.96
N SER A 92 14.62 11.20 -0.30
CA SER A 92 15.08 12.51 -0.71
C SER A 92 14.01 13.58 -0.53
N CYS A 93 12.75 13.23 -0.79
CA CYS A 93 11.69 14.20 -0.54
C CYS A 93 11.56 14.51 0.93
N MET A 94 11.82 13.52 1.80
CA MET A 94 11.73 13.74 3.23
C MET A 94 12.87 14.61 3.71
N GLU A 95 14.08 14.39 3.16
CA GLU A 95 15.22 15.25 3.45
C GLU A 95 14.92 16.70 3.11
N GLN A 96 14.34 16.95 1.94
CA GLN A 96 14.08 18.34 1.56
C GLN A 96 12.97 18.96 2.40
N ALA A 97 12.01 18.15 2.85
CA ALA A 97 10.96 18.69 3.72
C ALA A 97 11.51 19.02 5.11
N MET A 98 12.47 18.24 5.60
CA MET A 98 13.06 18.50 6.90
C MET A 98 13.84 19.81 6.89
N ASP A 99 14.68 20.00 5.88
CA ASP A 99 15.34 21.28 5.66
C ASP A 99 14.35 22.44 5.63
N ASP A 100 13.20 22.22 5.00
CA ASP A 100 12.24 23.31 4.84
C ASP A 100 11.51 23.61 6.14
N THR A 101 11.42 22.64 7.04
CA THR A 101 10.68 22.82 8.27
C THR A 101 11.59 22.97 9.49
N GLY A 102 12.90 22.93 9.30
CA GLY A 102 13.82 23.27 10.38
C GLY A 102 14.22 22.13 11.27
N VAL A 103 14.14 20.89 10.79
CA VAL A 103 14.44 19.70 11.58
C VAL A 103 15.93 19.38 11.42
N HIS A 104 16.69 19.47 12.50
CA HIS A 104 18.15 19.36 12.46
C HIS A 104 18.65 18.65 13.71
N GLY A 105 19.96 18.46 13.78
CA GLY A 105 20.61 17.88 14.95
C GLY A 105 20.26 16.41 15.18
N HIS A 106 20.30 16.02 16.47
CA HIS A 106 20.13 14.62 16.85
C HIS A 106 18.73 14.11 16.54
N ILE A 107 17.72 14.96 16.70
CA ILE A 107 16.38 14.46 16.40
C ILE A 107 16.25 14.24 14.90
N ARG A 108 16.95 15.02 14.07
CA ARG A 108 16.84 14.82 12.63
C ARG A 108 17.49 13.51 12.24
N GLU A 109 18.68 13.24 12.76
CA GLU A 109 19.38 12.02 12.40
C GLU A 109 18.61 10.80 12.90
N PHE A 110 17.96 10.93 14.05
CA PHE A 110 17.16 9.84 14.59
C PHE A 110 15.95 9.53 13.72
N VAL A 111 15.13 10.55 13.41
CA VAL A 111 13.93 10.31 12.64
C VAL A 111 14.27 9.88 11.22
N PHE A 112 15.37 10.38 10.68
CA PHE A 112 15.70 10.03 9.30
C PHE A 112 16.15 8.57 9.19
N GLU A 113 16.98 8.12 10.13
CA GLU A 113 17.50 6.75 10.08
C GLU A 113 16.40 5.73 10.30
N ARG A 114 15.46 6.00 11.22
CA ARG A 114 14.27 5.16 11.30
C ARG A 114 13.60 5.06 9.94
N LEU A 115 13.44 6.21 9.28
CA LEU A 115 12.69 6.25 8.03
C LEU A 115 13.44 5.54 6.91
N ALA A 116 14.76 5.67 6.88
CA ALA A 116 15.54 4.97 5.87
C ALA A 116 15.35 3.47 5.98
N LEU A 117 15.50 2.94 7.20
CA LEU A 117 15.24 1.52 7.44
C LEU A 117 13.86 1.12 6.97
N THR A 118 12.83 1.86 7.40
CA THR A 118 11.47 1.49 7.04
C THR A 118 11.27 1.44 5.52
N ALA A 119 11.80 2.44 4.80
CA ALA A 119 11.69 2.46 3.34
C ALA A 119 12.42 1.28 2.72
N GLN A 120 13.52 0.84 3.32
CA GLN A 120 14.14 -0.40 2.87
C GLN A 120 13.22 -1.59 3.06
N HIS A 121 12.43 -1.61 4.14
CA HIS A 121 11.48 -2.69 4.34
C HIS A 121 10.37 -2.67 3.31
N MET A 122 10.08 -1.49 2.71
CA MET A 122 8.98 -1.37 1.77
C MET A 122 9.34 -1.86 0.36
N VAL A 123 10.63 -1.90 0.00
CA VAL A 123 11.02 -2.25 -1.36
C VAL A 123 10.56 -3.66 -1.71
N ASN A 124 9.88 -3.78 -2.84
CA ASN A 124 9.26 -5.03 -3.24
C ASN A 124 9.41 -5.29 -4.74
N THR A 125 10.30 -4.53 -5.42
CA THR A 125 10.55 -4.62 -6.85
C THR A 125 12.05 -4.42 -7.07
N PRO A 126 12.72 -5.29 -7.83
CA PRO A 126 14.12 -5.04 -8.17
C PRO A 126 14.27 -3.74 -8.96
N ASN A 127 15.51 -3.29 -9.09
CA ASN A 127 15.70 -2.02 -9.80
C ASN A 127 15.75 -2.23 -11.31
N GLU A 128 15.64 -1.12 -12.04
CA GLU A 128 15.77 -1.19 -13.49
C GLU A 128 17.22 -1.35 -13.89
N THR A 129 17.44 -1.82 -15.11
CA THR A 129 18.80 -2.05 -15.59
C THR A 129 19.60 -0.75 -15.47
N GLY A 130 20.85 -0.87 -15.01
CA GLY A 130 21.64 0.28 -14.62
C GLY A 130 21.89 0.39 -13.12
N GLU A 131 21.22 -0.44 -12.31
CA GLU A 131 21.56 -0.67 -10.91
C GLU A 131 21.93 -2.17 -10.83
N ILE A 132 23.21 -2.46 -11.02
CA ILE A 132 23.67 -3.84 -11.23
C ILE A 132 23.36 -4.74 -10.03
N PRO B 5 -5.39 -3.62 17.15
CA PRO B 5 -6.63 -4.36 16.87
C PRO B 5 -7.62 -3.56 16.05
N MET B 6 -8.10 -4.10 14.91
CA MET B 6 -7.74 -5.44 14.46
C MET B 6 -7.55 -5.50 12.91
N THR B 7 -6.70 -6.43 12.43
CA THR B 7 -6.27 -6.40 11.03
C THR B 7 -7.47 -6.58 10.08
N PRO B 8 -7.42 -5.98 8.90
CA PRO B 8 -8.51 -6.16 7.94
C PRO B 8 -8.79 -7.62 7.60
N PHE B 9 -7.75 -8.46 7.54
CA PHE B 9 -7.93 -9.88 7.23
C PHE B 9 -8.91 -10.52 8.20
N GLU B 10 -8.70 -10.34 9.51
CA GLU B 10 -9.60 -10.95 10.48
C GLU B 10 -10.93 -10.21 10.54
N ALA B 11 -10.95 -8.91 10.26
CA ALA B 11 -12.22 -8.20 10.16
C ALA B 11 -13.07 -8.74 9.00
N ILE B 12 -12.45 -9.06 7.87
CA ILE B 12 -13.23 -9.51 6.71
C ILE B 12 -13.77 -10.92 6.88
N GLY B 13 -13.28 -11.67 7.86
CA GLY B 13 -13.77 -13.02 8.09
C GLY B 13 -12.68 -14.07 8.11
N GLY B 14 -11.45 -13.65 7.77
CA GLY B 14 -10.32 -14.55 7.81
C GLY B 14 -10.23 -15.47 6.60
N GLU B 15 -9.47 -16.54 6.80
CA GLU B 15 -9.22 -17.54 5.76
C GLU B 15 -10.49 -17.99 5.09
N GLN B 16 -11.51 -18.29 5.89
CA GLN B 16 -12.76 -18.80 5.34
C GLN B 16 -13.35 -17.81 4.35
N CYS B 17 -13.43 -16.53 4.74
CA CYS B 17 -14.07 -15.58 3.84
C CYS B 17 -13.20 -15.28 2.62
N ILE B 18 -11.88 -15.38 2.75
CA ILE B 18 -11.02 -15.21 1.58
C ILE B 18 -11.29 -16.31 0.58
N GLU B 19 -11.45 -17.55 1.08
CA GLU B 19 -11.69 -18.68 0.21
C GLU B 19 -12.87 -18.44 -0.72
N ILE B 20 -14.04 -18.20 -0.14
CA ILE B 20 -15.23 -18.09 -0.98
C ILE B 20 -15.25 -16.78 -1.77
N LEU B 21 -14.62 -15.73 -1.26
CA LEU B 21 -14.56 -14.47 -1.98
C LEU B 21 -13.74 -14.61 -3.26
N VAL B 22 -12.54 -15.21 -3.15
CA VAL B 22 -11.69 -15.38 -4.32
C VAL B 22 -12.31 -16.39 -5.29
N ASP B 23 -12.96 -17.45 -4.77
CA ASP B 23 -13.57 -18.44 -5.67
C ASP B 23 -14.70 -17.80 -6.47
N THR B 24 -15.59 -17.10 -5.78
CA THR B 24 -16.68 -16.41 -6.46
C THR B 24 -16.12 -15.40 -7.46
N PHE B 25 -15.08 -14.68 -7.05
CA PHE B 25 -14.43 -13.68 -7.89
C PHE B 25 -14.04 -14.25 -9.24
N TYR B 26 -13.20 -15.27 -9.24
CA TYR B 26 -12.74 -15.85 -10.50
C TYR B 26 -13.85 -16.56 -11.25
N SER B 27 -14.92 -16.99 -10.57
CA SER B 27 -16.08 -17.43 -11.32
C SER B 27 -16.63 -16.30 -12.19
N TYR B 28 -16.75 -15.09 -11.63
CA TYR B 28 -17.18 -13.94 -12.41
C TYR B 28 -16.17 -13.58 -13.50
N VAL B 29 -14.88 -13.57 -13.15
CA VAL B 29 -13.83 -13.29 -14.13
C VAL B 29 -13.92 -14.24 -15.31
N SER B 30 -14.02 -15.55 -15.02
CA SER B 30 -14.05 -16.57 -16.06
C SER B 30 -15.22 -16.38 -17.01
N LYS B 31 -16.25 -15.64 -16.59
CA LYS B 31 -17.42 -15.37 -17.42
C LYS B 31 -17.39 -13.98 -18.02
N HIS B 32 -16.47 -13.12 -17.62
CA HIS B 32 -16.49 -11.77 -18.15
C HIS B 32 -15.79 -11.73 -19.50
N PRO B 33 -16.47 -11.28 -20.55
CA PRO B 33 -15.87 -11.33 -21.91
C PRO B 33 -14.72 -10.36 -22.14
N ASP B 34 -14.48 -9.39 -21.24
CA ASP B 34 -13.31 -8.54 -21.32
C ASP B 34 -12.10 -9.09 -20.58
N LEU B 35 -12.30 -10.10 -19.75
CA LEU B 35 -11.26 -10.66 -18.89
C LEU B 35 -10.91 -12.09 -19.24
N SER B 36 -11.92 -12.92 -19.47
CA SER B 36 -11.71 -14.33 -19.74
C SER B 36 -10.60 -14.61 -20.75
N PRO B 37 -10.48 -13.90 -21.88
CA PRO B 37 -9.44 -14.24 -22.86
C PRO B 37 -8.01 -14.07 -22.35
N ILE B 38 -7.77 -13.21 -21.37
CA ILE B 38 -6.38 -13.00 -20.96
C ILE B 38 -5.98 -13.85 -19.78
N PHE B 39 -6.91 -14.54 -19.16
CA PHE B 39 -6.58 -15.42 -18.05
C PHE B 39 -6.39 -16.84 -18.54
N PRO B 40 -5.81 -17.71 -17.73
CA PRO B 40 -5.75 -19.12 -18.11
C PRO B 40 -7.14 -19.73 -18.08
N ASP B 41 -7.33 -20.72 -18.95
CA ASP B 41 -8.62 -21.41 -19.01
C ASP B 41 -8.97 -22.02 -17.66
N ASP B 42 -8.01 -22.70 -17.05
CA ASP B 42 -8.15 -23.17 -15.68
C ASP B 42 -7.58 -22.10 -14.75
N LEU B 43 -8.41 -21.64 -13.82
CA LEU B 43 -8.06 -20.54 -12.93
C LEU B 43 -7.62 -21.01 -11.55
N THR B 44 -7.40 -22.32 -11.39
CA THR B 44 -7.10 -22.90 -10.08
C THR B 44 -5.82 -22.32 -9.50
N GLU B 45 -4.77 -22.24 -10.31
CA GLU B 45 -3.51 -21.65 -9.84
C GLU B 45 -3.67 -20.18 -9.52
N THR B 46 -4.33 -19.43 -10.42
CA THR B 46 -4.51 -18.00 -10.20
C THR B 46 -5.25 -17.74 -8.90
N ALA B 47 -6.38 -18.42 -8.70
CA ALA B 47 -7.16 -18.20 -7.50
C ALA B 47 -6.34 -18.56 -6.25
N ARG B 48 -5.57 -19.64 -6.33
CA ARG B 48 -4.78 -20.06 -5.18
C ARG B 48 -3.77 -18.99 -4.79
N LYS B 49 -3.12 -18.38 -5.78
CA LYS B 49 -2.15 -17.33 -5.48
C LYS B 49 -2.83 -16.04 -5.03
N GLN B 50 -4.03 -15.76 -5.53
CA GLN B 50 -4.75 -14.56 -5.11
C GLN B 50 -5.19 -14.67 -3.66
N LYS B 51 -5.61 -15.87 -3.25
CA LYS B 51 -5.88 -16.15 -1.84
C LYS B 51 -4.65 -15.86 -0.99
N GLN B 52 -3.49 -16.34 -1.46
CA GLN B 52 -2.24 -16.03 -0.79
C GLN B 52 -2.03 -14.52 -0.72
N PHE B 53 -2.15 -13.84 -1.85
CA PHE B 53 -1.84 -12.41 -1.87
C PHE B 53 -2.81 -11.61 -1.01
N LEU B 54 -4.12 -11.89 -1.08
CA LEU B 54 -5.06 -11.08 -0.31
C LEU B 54 -4.87 -11.32 1.19
N THR B 55 -4.60 -12.56 1.57
CA THR B 55 -4.37 -12.87 2.98
C THR B 55 -3.22 -12.04 3.53
N GLN B 56 -2.13 -11.91 2.78
CA GLN B 56 -1.00 -11.15 3.28
C GLN B 56 -1.24 -9.66 3.17
N TYR B 57 -1.79 -9.21 2.03
CA TYR B 57 -2.08 -7.80 1.88
C TYR B 57 -2.96 -7.27 3.02
N LEU B 58 -3.96 -8.04 3.41
CA LEU B 58 -4.92 -7.62 4.43
C LEU B 58 -4.41 -7.84 5.84
N GLY B 59 -3.17 -8.27 6.01
CA GLY B 59 -2.58 -8.39 7.32
C GLY B 59 -2.56 -9.78 7.94
N GLY B 60 -2.96 -10.80 7.19
CA GLY B 60 -2.83 -12.17 7.64
C GLY B 60 -1.41 -12.67 7.52
N PRO B 61 -1.23 -13.99 7.53
CA PRO B 61 0.13 -14.55 7.40
C PRO B 61 0.75 -14.18 6.07
N ASN B 62 2.08 -14.20 6.03
CA ASN B 62 2.81 -13.81 4.82
C ASN B 62 2.84 -14.95 3.80
N LEU B 63 1.63 -15.35 3.37
CA LEU B 63 1.51 -16.55 2.53
C LEU B 63 2.10 -16.33 1.14
N TYR B 64 1.83 -15.17 0.52
CA TYR B 64 2.31 -14.96 -0.84
C TYR B 64 3.83 -14.86 -0.88
N THR B 65 4.42 -13.95 -0.10
CA THR B 65 5.85 -13.75 -0.25
C THR B 65 6.65 -14.94 0.26
N GLU B 66 6.08 -15.76 1.14
CA GLU B 66 6.79 -16.95 1.63
C GLU B 66 6.98 -17.99 0.53
N GLU B 67 6.13 -17.99 -0.49
CA GLU B 67 6.23 -18.96 -1.58
C GLU B 67 6.79 -18.37 -2.87
N HIS B 68 6.52 -17.10 -3.15
CA HIS B 68 6.83 -16.52 -4.44
C HIS B 68 7.89 -15.42 -4.40
N GLY B 69 8.34 -15.01 -3.22
CA GLY B 69 9.32 -13.94 -3.14
C GLY B 69 8.68 -12.56 -3.24
N HIS B 70 9.46 -11.60 -3.75
CA HIS B 70 8.97 -10.23 -3.83
C HIS B 70 7.74 -10.15 -4.72
N PRO B 71 6.72 -9.37 -4.32
CA PRO B 71 5.47 -9.39 -5.12
C PRO B 71 5.60 -8.75 -6.48
N MET B 72 6.29 -7.62 -6.61
CA MET B 72 6.54 -6.89 -7.87
C MET B 72 5.32 -6.94 -8.80
N LEU B 73 4.18 -6.58 -8.24
CA LEU B 73 2.89 -6.95 -8.81
C LEU B 73 2.72 -6.41 -10.23
N ARG B 74 2.98 -5.11 -10.42
CA ARG B 74 2.81 -4.54 -11.76
C ARG B 74 3.66 -5.29 -12.77
N ALA B 75 4.92 -5.59 -12.40
CA ALA B 75 5.81 -6.29 -13.32
C ALA B 75 5.24 -7.63 -13.76
N ARG B 76 4.55 -8.33 -12.84
CA ARG B 76 3.96 -9.63 -13.19
C ARG B 76 2.77 -9.50 -14.11
N HIS B 77 2.12 -8.34 -14.13
CA HIS B 77 0.99 -8.07 -14.98
C HIS B 77 1.39 -7.47 -16.33
N LEU B 78 2.66 -7.07 -16.46
CA LEU B 78 3.12 -6.43 -17.68
C LEU B 78 2.92 -7.30 -18.92
N PRO B 79 3.10 -8.62 -18.89
CA PRO B 79 2.87 -9.40 -20.11
C PRO B 79 1.41 -9.44 -20.56
N PHE B 80 0.48 -8.90 -19.78
CA PHE B 80 -0.91 -8.94 -20.17
C PHE B 80 -1.41 -7.55 -20.54
N GLU B 81 -2.32 -7.51 -21.50
CA GLU B 81 -2.88 -6.26 -22.03
C GLU B 81 -3.98 -5.76 -21.09
N ILE B 82 -3.58 -4.97 -20.09
CA ILE B 82 -4.46 -4.47 -19.05
C ILE B 82 -4.81 -3.01 -19.35
N THR B 83 -5.98 -2.80 -19.92
CA THR B 83 -6.53 -1.50 -20.24
C THR B 83 -7.32 -0.95 -19.06
N PRO B 84 -7.59 0.36 -19.04
CA PRO B 84 -8.53 0.87 -18.03
C PRO B 84 -9.87 0.16 -18.05
N LYS B 85 -10.33 -0.29 -19.22
CA LYS B 85 -11.62 -0.97 -19.32
C LYS B 85 -11.58 -2.32 -18.64
N ARG B 86 -10.48 -3.06 -18.81
CA ARG B 86 -10.37 -4.36 -18.13
C ARG B 86 -10.20 -4.19 -16.63
N ALA B 87 -9.47 -3.15 -16.22
CA ALA B 87 -9.35 -2.84 -14.81
C ALA B 87 -10.72 -2.59 -14.18
N GLU B 88 -11.60 -1.87 -14.88
CA GLU B 88 -12.95 -1.71 -14.38
C GLU B 88 -13.69 -3.05 -14.36
N ALA B 89 -13.46 -3.91 -15.36
CA ALA B 89 -14.19 -5.18 -15.41
C ALA B 89 -13.81 -6.06 -14.22
N LEU B 90 -12.50 -6.20 -13.98
CA LEU B 90 -11.98 -6.87 -12.81
C LEU B 90 -12.65 -6.37 -11.54
N LEU B 91 -12.61 -5.05 -11.34
CA LEU B 91 -13.26 -4.44 -10.18
C LEU B 91 -14.75 -4.79 -10.14
N SER B 92 -15.41 -4.77 -11.29
CA SER B 92 -16.82 -5.16 -11.30
C SER B 92 -16.99 -6.60 -10.81
N CYS B 93 -16.03 -7.49 -11.11
CA CYS B 93 -16.14 -8.87 -10.67
C CYS B 93 -15.82 -9.01 -9.18
N MET B 94 -14.89 -8.21 -8.68
CA MET B 94 -14.66 -8.23 -7.23
C MET B 94 -15.85 -7.65 -6.50
N GLU B 95 -16.53 -6.68 -7.10
CA GLU B 95 -17.70 -6.08 -6.47
C GLU B 95 -18.81 -7.10 -6.30
N GLN B 96 -19.09 -7.88 -7.35
CA GLN B 96 -20.16 -8.86 -7.25
C GLN B 96 -19.77 -10.01 -6.33
N ALA B 97 -18.49 -10.35 -6.27
CA ALA B 97 -18.01 -11.36 -5.32
C ALA B 97 -18.25 -10.92 -3.89
N MET B 98 -17.98 -9.64 -3.59
CA MET B 98 -18.19 -9.10 -2.25
C MET B 98 -19.67 -9.04 -1.90
N ASP B 99 -20.53 -8.65 -2.86
CA ASP B 99 -21.97 -8.77 -2.66
C ASP B 99 -22.38 -10.21 -2.39
N ASP B 100 -21.75 -11.15 -3.07
CA ASP B 100 -22.14 -12.55 -2.95
C ASP B 100 -21.56 -13.23 -1.73
N THR B 101 -20.46 -12.72 -1.19
CA THR B 101 -19.92 -13.29 0.05
C THR B 101 -20.27 -12.45 1.28
N GLY B 102 -21.13 -11.44 1.15
CA GLY B 102 -21.57 -10.67 2.31
C GLY B 102 -20.55 -9.71 2.87
N VAL B 103 -19.57 -9.31 2.08
CA VAL B 103 -18.56 -8.34 2.50
C VAL B 103 -19.17 -6.95 2.36
N HIS B 104 -19.42 -6.30 3.47
CA HIS B 104 -20.20 -5.07 3.45
C HIS B 104 -19.61 -4.06 4.43
N GLY B 105 -20.14 -2.84 4.36
CA GLY B 105 -19.79 -1.85 5.35
C GLY B 105 -18.38 -1.32 5.20
N HIS B 106 -17.77 -1.02 6.35
CA HIS B 106 -16.52 -0.28 6.38
C HIS B 106 -15.36 -1.11 5.82
N ILE B 107 -15.32 -2.40 6.13
CA ILE B 107 -14.28 -3.28 5.61
C ILE B 107 -14.40 -3.44 4.11
N ARG B 108 -15.63 -3.42 3.58
CA ARG B 108 -15.78 -3.49 2.13
C ARG B 108 -15.14 -2.30 1.45
N GLU B 109 -15.49 -1.08 1.90
CA GLU B 109 -14.93 0.12 1.31
C GLU B 109 -13.43 0.17 1.50
N PHE B 110 -12.95 -0.27 2.66
CA PHE B 110 -11.51 -0.38 2.90
C PHE B 110 -10.87 -1.25 1.83
N VAL B 111 -11.35 -2.49 1.70
CA VAL B 111 -10.78 -3.42 0.73
C VAL B 111 -11.05 -2.96 -0.70
N PHE B 112 -12.23 -2.40 -0.98
CA PHE B 112 -12.50 -2.06 -2.38
C PHE B 112 -11.72 -0.84 -2.84
N GLU B 113 -11.65 0.20 -2.01
CA GLU B 113 -10.83 1.38 -2.32
C GLU B 113 -9.39 0.99 -2.64
N ARG B 114 -8.82 0.03 -1.90
CA ARG B 114 -7.46 -0.40 -2.13
C ARG B 114 -7.30 -1.28 -3.38
N LEU B 115 -8.28 -2.14 -3.69
CA LEU B 115 -8.18 -2.90 -4.95
C LEU B 115 -8.37 -1.99 -6.15
N ALA B 116 -9.28 -1.02 -6.06
CA ALA B 116 -9.41 -0.02 -7.10
C ALA B 116 -8.09 0.74 -7.32
N LEU B 117 -7.41 1.13 -6.24
CA LEU B 117 -6.11 1.78 -6.44
C LEU B 117 -5.09 0.84 -7.06
N THR B 118 -5.05 -0.41 -6.62
CA THR B 118 -4.10 -1.37 -7.20
C THR B 118 -4.41 -1.65 -8.67
N ALA B 119 -5.69 -1.86 -9.00
CA ALA B 119 -6.08 -2.08 -10.40
C ALA B 119 -5.58 -0.94 -11.29
N GLN B 120 -5.65 0.29 -10.80
CA GLN B 120 -5.18 1.43 -11.58
C GLN B 120 -3.67 1.36 -11.80
N HIS B 121 -2.93 0.86 -10.81
CA HIS B 121 -1.48 0.71 -10.95
C HIS B 121 -1.11 -0.43 -11.89
N MET B 122 -2.00 -1.38 -12.12
CA MET B 122 -1.69 -2.47 -13.02
C MET B 122 -1.88 -2.08 -14.48
N VAL B 123 -2.73 -1.09 -14.76
CA VAL B 123 -3.05 -0.70 -16.13
C VAL B 123 -1.77 -0.38 -16.90
N ASN B 124 -1.66 -0.94 -18.09
CA ASN B 124 -0.41 -0.81 -18.83
C ASN B 124 -0.63 -0.60 -20.32
N THR B 125 -1.86 -0.37 -20.76
CA THR B 125 -2.24 -0.30 -22.20
C THR B 125 -3.42 0.66 -22.32
N PRO B 126 -3.35 1.67 -23.20
CA PRO B 126 -4.52 2.53 -23.44
C PRO B 126 -5.71 1.75 -23.95
N ASN B 127 -6.90 2.34 -23.82
CA ASN B 127 -8.13 1.72 -24.33
C ASN B 127 -8.10 1.59 -25.85
CHA HEM C . 0.81 4.59 1.83
CHB HEM C . 4.30 4.63 -1.54
CHC HEM C . 7.59 4.13 2.06
CHD HEM C . 4.11 5.00 5.41
C1A HEM C . 1.44 4.62 0.62
C2A HEM C . 0.79 4.64 -0.68
C3A HEM C . 1.76 4.65 -1.61
C4A HEM C . 3.04 4.63 -0.93
CMA HEM C . 1.55 4.66 -3.13
CAA HEM C . -0.73 4.65 -0.97
CBA HEM C . -1.39 5.86 -0.31
CGA HEM C . -2.88 5.69 -0.15
O1A HEM C . -3.48 4.77 -0.75
O2A HEM C . -3.49 6.50 0.61
C1B HEM C . 5.49 4.47 -0.85
C2B HEM C . 6.79 4.33 -1.44
C3B HEM C . 7.68 4.16 -0.46
C4B HEM C . 6.99 4.24 0.81
CMB HEM C . 7.11 4.35 -2.96
CAB HEM C . 9.20 3.99 -0.66
CBB HEM C . 9.98 3.46 0.29
C1C HEM C . 6.96 4.47 3.23
C2C HEM C . 7.62 4.81 4.48
C3C HEM C . 6.66 5.06 5.39
C4C HEM C . 5.36 4.87 4.78
CMC HEM C . 9.14 4.93 4.77
CAC HEM C . 6.99 5.47 6.83
CBC HEM C . 6.12 6.24 7.48
C1D HEM C . 2.91 4.91 4.71
C2D HEM C . 1.58 4.92 5.29
C3D HEM C . 0.68 4.81 4.31
C4D HEM C . 1.42 4.71 3.06
CMD HEM C . 1.24 5.06 6.80
CAD HEM C . -0.85 4.78 4.39
CBD HEM C . -1.37 3.45 4.95
CGD HEM C . -2.88 3.49 4.97
O1D HEM C . -3.50 3.84 3.94
O2D HEM C . -3.45 3.15 6.04
NA HEM C . 2.80 4.61 0.44
NB HEM C . 5.65 4.41 0.54
NC HEM C . 5.58 4.51 3.45
ND HEM C . 2.76 4.77 3.34
FE HEM C . 4.16 4.71 1.88
C CYN D . 4.03 6.61 1.85
N CYN D . 4.07 7.77 1.78
S SO4 E . -9.06 3.89 6.55
O1 SO4 E . -8.30 2.87 7.28
O2 SO4 E . -8.95 5.19 7.19
O3 SO4 E . -8.54 3.98 5.17
O4 SO4 E . -10.46 3.50 6.49
S SO4 F . 22.77 19.77 11.72
O1 SO4 F . 23.84 19.00 12.33
O2 SO4 F . 22.44 20.91 12.56
O3 SO4 F . 23.20 20.26 10.41
O4 SO4 F . 21.60 18.91 11.58
CHA HEM G . -2.07 -12.55 -11.99
CHB HEM G . -4.95 -9.80 -14.83
CHC HEM G . -5.56 -6.57 -11.20
CHD HEM G . -3.19 -9.62 -8.21
C1A HEM G . -2.79 -12.08 -13.09
C2A HEM G . -2.85 -12.67 -14.43
C3A HEM G . -3.66 -11.91 -15.17
C4A HEM G . -4.11 -10.81 -14.37
CMA HEM G . -4.04 -12.13 -16.65
CAA HEM G . -2.17 -13.97 -14.90
CBA HEM G . -2.87 -15.16 -14.24
CGA HEM G . -1.93 -16.34 -14.10
O1A HEM G . -1.07 -16.52 -15.00
O2A HEM G . -2.07 -17.11 -13.09
C1B HEM G . -5.34 -8.71 -14.07
C2B HEM G . -6.14 -7.63 -14.58
C3B HEM G . -6.29 -6.74 -13.62
C4B HEM G . -5.60 -7.21 -12.42
CMB HEM G . -6.71 -7.50 -16.00
CAB HEM G . -7.11 -5.44 -13.80
CBB HEM G . -6.87 -4.36 -13.06
C1C HEM G . -5.09 -7.16 -10.06
C2C HEM G . -5.31 -6.69 -8.70
C3C HEM G . -4.65 -7.53 -7.89
C4C HEM G . -3.98 -8.56 -8.68
CMC HEM G . -6.15 -5.48 -8.20
CAC HEM G . -4.68 -7.33 -6.37
CBC HEM G . -3.80 -7.97 -5.61
C1D HEM G . -2.68 -10.67 -8.96
C2D HEM G . -1.89 -11.79 -8.46
C3D HEM G . -1.59 -12.58 -9.49
C4D HEM G . -2.16 -12.02 -10.71
CMD HEM G . -1.45 -12.07 -7.01
CAD HEM G . -0.74 -13.85 -9.34
CBD HEM G . 0.69 -13.41 -9.60
CGD HEM G . 1.62 -14.59 -9.74
O1D HEM G . 1.59 -15.27 -10.81
O2D HEM G . 2.39 -14.83 -8.78
NA HEM G . -3.58 -10.94 -13.11
NB HEM G . -5.02 -8.43 -12.74
NC HEM G . -4.28 -8.30 -10.01
ND HEM G . -2.80 -10.84 -10.36
FE HEM G . -3.98 -9.71 -11.44
C CYN H . -5.80 -10.65 -11.07
N CYN H . -6.60 -11.40 -10.72
S SO4 I . -23.33 -1.62 3.28
O1 SO4 I . -23.09 -0.53 4.22
O2 SO4 I . -23.68 -2.80 4.06
O3 SO4 I . -24.43 -1.27 2.39
O4 SO4 I . -22.14 -1.89 2.47
#